data_3A4S
#
_entry.id   3A4S
#
_cell.length_a   29.250
_cell.length_b   49.420
_cell.length_c   90.295
_cell.angle_alpha   103.20
_cell.angle_beta   92.10
_cell.angle_gamma   101.13
#
_symmetry.space_group_name_H-M   'P 1'
#
loop_
_entity.id
_entity.type
_entity.pdbx_description
1 polymer 'SUMO-conjugating enzyme UBC9'
2 polymer 'NFATC2-interacting protein'
#
loop_
_entity_poly.entity_id
_entity_poly.type
_entity_poly.pdbx_seq_one_letter_code
_entity_poly.pdbx_strand_id
1 'polypeptide(L)'
;GPLGSMSGIALSRLAQERKAWRKDHPFGFVAVPTKNPDGTMNLMNWECAIPGKKGTPWEGGLFKLRMLFKDDYPSSPPKC
KFEPPLFHPNVYPSGTVCLSILEEDKDWRPAITIKQILLGIQELLNEPNIQDPAQAEAYTIYCQNRVEYEKRVRAQAKKF
APS
;
A,B
2 'polypeptide(L)' GPLGSQELRLRVQGKEKHQMLEISLSPDSPLKVLMSHYEEAMGLSGHKLSFFFDGTKLSGKELPADLGLESGDLIEVWG C,D
#
# COMPACT_ATOMS: atom_id res chain seq x y z
N GLY A 8 -8.49 -22.64 11.37
CA GLY A 8 -9.16 -23.46 12.37
C GLY A 8 -10.63 -23.11 12.47
N ILE A 9 -10.94 -21.82 12.42
CA ILE A 9 -12.32 -21.36 12.42
C ILE A 9 -12.95 -21.69 11.07
N ALA A 10 -12.30 -21.24 10.00
CA ALA A 10 -12.76 -21.51 8.63
C ALA A 10 -12.87 -23.01 8.36
N LEU A 11 -11.85 -23.76 8.76
CA LEU A 11 -11.82 -25.21 8.53
C LEU A 11 -12.97 -25.91 9.25
N SER A 12 -13.25 -25.49 10.48
CA SER A 12 -14.33 -26.08 11.26
C SER A 12 -15.67 -25.84 10.57
N ARG A 13 -15.84 -24.61 10.08
CA ARG A 13 -17.07 -24.21 9.39
C ARG A 13 -17.17 -24.82 7.99
N LEU A 14 -16.02 -25.00 7.36
CA LEU A 14 -15.96 -25.58 6.02
C LEU A 14 -16.22 -27.07 6.04
N ALA A 15 -15.89 -27.71 7.17
CA ALA A 15 -16.13 -29.14 7.33
C ALA A 15 -17.64 -29.41 7.41
N GLN A 16 -18.35 -28.52 8.07
CA GLN A 16 -19.80 -28.64 8.19
C GLN A 16 -20.46 -28.36 6.84
N GLU A 17 -19.89 -27.39 6.11
CA GLU A 17 -20.40 -27.04 4.80
C GLU A 17 -20.37 -28.23 3.86
N ARG A 18 -19.25 -28.95 3.84
CA ARG A 18 -19.15 -30.14 3.01
C ARG A 18 -20.12 -31.20 3.47
N LYS A 19 -20.29 -31.30 4.79
CA LYS A 19 -21.23 -32.25 5.37
C LYS A 19 -22.64 -31.96 4.88
N ALA A 20 -23.08 -30.74 5.09
CA ALA A 20 -24.42 -30.31 4.68
C ALA A 20 -24.62 -30.52 3.19
N TRP A 21 -23.68 -30.00 2.39
CA TRP A 21 -23.73 -30.12 0.94
C TRP A 21 -24.02 -31.54 0.49
N ARG A 22 -23.24 -32.48 0.99
CA ARG A 22 -23.35 -33.89 0.61
C ARG A 22 -24.78 -34.43 0.70
N LYS A 23 -25.54 -33.94 1.68
CA LYS A 23 -26.89 -34.45 1.90
C LYS A 23 -27.98 -33.45 1.49
N ASP A 24 -27.58 -32.37 0.83
CA ASP A 24 -28.54 -31.37 0.36
C ASP A 24 -27.95 -30.46 -0.72
N HIS A 25 -28.15 -30.84 -1.98
CA HIS A 25 -27.71 -30.03 -3.10
C HIS A 25 -28.46 -30.39 -4.38
N PRO A 26 -28.60 -29.43 -5.30
CA PRO A 26 -29.40 -29.61 -6.52
C PRO A 26 -28.77 -30.58 -7.52
N PHE A 27 -29.62 -31.21 -8.33
CA PHE A 27 -29.17 -32.12 -9.37
C PHE A 27 -28.33 -31.37 -10.41
N GLY A 28 -27.19 -31.95 -10.77
CA GLY A 28 -26.32 -31.36 -11.76
C GLY A 28 -25.20 -30.53 -11.16
N PHE A 29 -25.43 -29.97 -9.97
CA PHE A 29 -24.43 -29.16 -9.29
C PHE A 29 -23.31 -30.02 -8.74
N VAL A 30 -22.11 -29.44 -8.65
CA VAL A 30 -20.97 -30.13 -8.07
C VAL A 30 -20.17 -29.16 -7.21
N ALA A 31 -19.86 -29.58 -5.98
CA ALA A 31 -19.03 -28.79 -5.10
C ALA A 31 -18.14 -29.70 -4.25
N VAL A 32 -16.92 -29.93 -4.73
CA VAL A 32 -15.98 -30.79 -4.03
C VAL A 32 -14.65 -30.07 -3.84
N PRO A 33 -14.00 -30.25 -2.68
CA PRO A 33 -12.71 -29.62 -2.42
C PRO A 33 -11.61 -30.23 -3.28
N THR A 34 -10.48 -29.54 -3.40
CA THR A 34 -9.33 -30.09 -4.13
C THR A 34 -8.45 -30.92 -3.21
N LYS A 35 -7.34 -31.43 -3.75
CA LYS A 35 -6.43 -32.26 -2.97
C LYS A 35 -5.35 -31.42 -2.27
N PRO A 37 2.41 -33.57 -1.85
CA PRO A 37 1.21 -33.69 -1.00
C PRO A 37 0.02 -34.21 -1.79
N ASP A 38 -0.57 -35.31 -1.33
CA ASP A 38 -1.73 -35.90 -1.99
C ASP A 38 -2.64 -36.55 -0.96
N GLY A 39 -3.85 -36.92 -1.41
CA GLY A 39 -4.80 -37.61 -0.56
C GLY A 39 -5.45 -36.70 0.46
N THR A 40 -4.70 -35.70 0.93
CA THR A 40 -5.21 -34.77 1.92
C THR A 40 -6.09 -33.69 1.26
N MET A 41 -7.25 -33.44 1.86
CA MET A 41 -8.20 -32.49 1.31
C MET A 41 -7.82 -31.04 1.57
N ASN A 42 -7.97 -30.20 0.55
CA ASN A 42 -7.76 -28.76 0.68
C ASN A 42 -9.11 -28.04 0.79
N LEU A 43 -9.63 -27.96 2.01
CA LEU A 43 -10.94 -27.35 2.25
C LEU A 43 -11.00 -25.88 1.89
N MET A 44 -9.87 -25.31 1.50
CA MET A 44 -9.83 -23.89 1.18
C MET A 44 -9.95 -23.64 -0.33
N ASN A 45 -9.92 -24.72 -1.11
CA ASN A 45 -9.96 -24.62 -2.56
C ASN A 45 -10.95 -25.62 -3.17
N TRP A 46 -12.13 -25.13 -3.54
CA TRP A 46 -13.19 -26.02 -4.01
C TRP A 46 -13.37 -25.95 -5.53
N GLU A 47 -13.45 -27.12 -6.16
CA GLU A 47 -13.79 -27.20 -7.57
C GLU A 47 -15.29 -27.43 -7.71
N CYS A 48 -15.96 -26.52 -8.42
CA CYS A 48 -17.41 -26.57 -8.53
C CYS A 48 -17.90 -26.56 -9.97
N ALA A 49 -19.18 -26.88 -10.15
CA ALA A 49 -19.80 -26.92 -11.46
C ALA A 49 -21.25 -26.51 -11.35
N ILE A 50 -21.67 -25.59 -12.22
CA ILE A 50 -23.03 -25.09 -12.21
C ILE A 50 -23.74 -25.36 -13.53
N PRO A 51 -24.80 -26.16 -13.49
CA PRO A 51 -25.60 -26.45 -14.69
C PRO A 51 -26.38 -25.21 -15.07
N GLY A 52 -26.59 -25.00 -16.37
CA GLY A 52 -27.45 -23.92 -16.83
C GLY A 52 -28.89 -24.23 -16.48
N LYS A 53 -29.64 -23.19 -16.11
CA LYS A 53 -31.04 -23.33 -15.76
C LYS A 53 -31.87 -23.79 -16.98
N LYS A 54 -32.85 -24.66 -16.74
CA LYS A 54 -33.73 -25.12 -17.81
C LYS A 54 -34.57 -23.99 -18.38
N GLY A 55 -34.72 -23.99 -19.70
CA GLY A 55 -35.51 -22.96 -20.36
C GLY A 55 -34.77 -21.65 -20.45
N THR A 56 -33.46 -21.71 -20.63
CA THR A 56 -32.64 -20.51 -20.80
C THR A 56 -31.56 -20.77 -21.84
N PRO A 57 -30.95 -19.69 -22.37
CA PRO A 57 -29.84 -19.86 -23.31
C PRO A 57 -28.66 -20.58 -22.66
N TRP A 58 -28.74 -20.80 -21.34
CA TRP A 58 -27.65 -21.43 -20.61
C TRP A 58 -27.85 -22.93 -20.42
N GLU A 59 -29.08 -23.40 -20.63
CA GLU A 59 -29.39 -24.80 -20.40
C GLU A 59 -28.52 -25.74 -21.23
N GLY A 60 -28.11 -26.84 -20.62
CA GLY A 60 -27.30 -27.83 -21.30
C GLY A 60 -25.82 -27.67 -21.05
N GLY A 61 -25.42 -26.49 -20.58
CA GLY A 61 -24.02 -26.22 -20.30
C GLY A 61 -23.66 -26.43 -18.84
N LEU A 62 -22.47 -26.97 -18.61
CA LEU A 62 -21.98 -27.16 -17.25
C LEU A 62 -20.79 -26.25 -17.02
N PHE A 63 -21.05 -25.12 -16.36
CA PHE A 63 -20.03 -24.08 -16.19
C PHE A 63 -19.28 -24.25 -14.89
N LYS A 64 -17.99 -24.52 -15.00
CA LYS A 64 -17.17 -24.85 -13.84
C LYS A 64 -16.45 -23.64 -13.26
N LEU A 65 -16.49 -23.52 -11.94
CA LEU A 65 -15.80 -22.43 -11.27
C LEU A 65 -15.01 -22.92 -10.07
N ARG A 66 -14.10 -22.08 -9.59
CA ARG A 66 -13.28 -22.40 -8.43
C ARG A 66 -13.69 -21.53 -7.26
N MET A 67 -13.88 -22.17 -6.11
CA MET A 67 -14.33 -21.47 -4.92
C MET A 67 -13.19 -21.41 -3.90
N LEU A 68 -12.66 -20.21 -3.71
CA LEU A 68 -11.49 -20.00 -2.86
C LEU A 68 -11.83 -19.33 -1.54
N PHE A 69 -11.72 -20.09 -0.46
CA PHE A 69 -11.97 -19.54 0.88
C PHE A 69 -10.68 -19.08 1.53
N LYS A 70 -10.77 -18.05 2.36
CA LYS A 70 -9.63 -17.58 3.14
C LYS A 70 -9.75 -18.07 4.58
N ASP A 71 -8.72 -17.80 5.38
CA ASP A 71 -8.77 -18.09 6.81
C ASP A 71 -9.67 -17.07 7.50
N ASP A 72 -9.96 -16.00 6.77
CA ASP A 72 -10.84 -14.94 7.24
C ASP A 72 -12.27 -15.45 7.32
N TYR A 73 -12.61 -16.39 6.44
CA TYR A 73 -13.90 -17.07 6.40
C TYR A 73 -14.26 -17.59 7.80
N PRO A 74 -15.55 -17.50 8.19
CA PRO A 74 -16.72 -17.03 7.45
C PRO A 74 -16.98 -15.52 7.53
N SER A 75 -16.16 -14.78 8.29
CA SER A 75 -16.32 -13.34 8.33
C SER A 75 -16.30 -12.77 6.92
N SER A 76 -15.43 -13.31 6.08
CA SER A 76 -15.34 -12.92 4.68
C SER A 76 -15.89 -14.02 3.78
N PRO A 77 -16.41 -13.64 2.61
CA PRO A 77 -16.94 -14.58 1.61
C PRO A 77 -15.82 -15.28 0.86
N PRO A 78 -16.14 -16.40 0.19
CA PRO A 78 -15.19 -17.02 -0.71
C PRO A 78 -15.06 -16.21 -1.99
N LYS A 79 -13.99 -16.39 -2.73
CA LYS A 79 -13.83 -15.73 -4.02
C LYS A 79 -14.12 -16.74 -5.12
N CYS A 80 -14.99 -16.37 -6.05
CA CYS A 80 -15.44 -17.33 -7.05
C CYS A 80 -15.01 -16.93 -8.46
N LYS A 81 -14.30 -17.84 -9.13
CA LYS A 81 -13.81 -17.60 -10.47
C LYS A 81 -14.30 -18.69 -11.40
N PHE A 82 -14.80 -18.29 -12.56
CA PHE A 82 -15.16 -19.26 -13.58
C PHE A 82 -13.90 -19.68 -14.32
N GLU A 83 -13.68 -20.99 -14.42
CA GLU A 83 -12.55 -21.50 -15.18
C GLU A 83 -13.02 -22.53 -16.21
N PRO A 84 -12.94 -22.17 -17.49
CA PRO A 84 -12.42 -20.88 -17.97
C PRO A 84 -13.37 -19.72 -17.66
N PRO A 85 -12.91 -18.48 -17.82
CA PRO A 85 -13.79 -17.32 -17.62
C PRO A 85 -15.01 -17.41 -18.53
N LEU A 86 -16.10 -16.76 -18.13
CA LEU A 86 -17.34 -16.81 -18.89
C LEU A 86 -17.72 -15.47 -19.52
N PHE A 87 -18.38 -15.54 -20.66
CA PHE A 87 -18.97 -14.36 -21.29
C PHE A 87 -20.22 -13.97 -20.51
N HIS A 88 -20.10 -12.93 -19.70
CA HIS A 88 -21.20 -12.50 -18.85
C HIS A 88 -20.88 -11.13 -18.25
N PRO A 89 -21.87 -10.23 -18.21
CA PRO A 89 -21.66 -8.85 -17.76
C PRO A 89 -21.14 -8.71 -16.33
N ASN A 90 -21.42 -9.68 -15.46
CA ASN A 90 -20.97 -9.57 -14.07
C ASN A 90 -19.82 -10.50 -13.71
N VAL A 91 -19.01 -10.81 -14.70
CA VAL A 91 -17.84 -11.64 -14.49
C VAL A 91 -16.61 -11.00 -15.13
N TYR A 92 -15.64 -10.61 -14.30
CA TYR A 92 -14.39 -10.04 -14.77
C TYR A 92 -13.77 -10.94 -15.85
N PRO A 93 -12.98 -10.34 -16.74
CA PRO A 93 -12.26 -11.14 -17.74
C PRO A 93 -11.40 -12.22 -17.08
N SER A 94 -11.10 -12.05 -15.78
CA SER A 94 -10.30 -13.01 -15.04
C SER A 94 -11.13 -14.21 -14.59
N GLY A 95 -12.45 -14.07 -14.66
CA GLY A 95 -13.36 -15.12 -14.26
C GLY A 95 -14.02 -14.84 -12.91
N THR A 96 -13.49 -13.87 -12.18
CA THR A 96 -14.03 -13.50 -10.88
C THR A 96 -15.52 -13.15 -11.00
N VAL A 97 -16.33 -13.76 -10.16
CA VAL A 97 -17.77 -13.53 -10.17
C VAL A 97 -18.11 -12.31 -9.32
N CYS A 98 -18.86 -11.38 -9.89
CA CYS A 98 -19.30 -10.21 -9.16
C CYS A 98 -20.73 -10.38 -8.67
N LEU A 99 -20.86 -10.74 -7.39
CA LEU A 99 -22.15 -10.97 -6.79
C LEU A 99 -22.20 -10.24 -5.47
N SER A 100 -23.28 -9.49 -5.25
CA SER A 100 -23.46 -8.73 -4.02
C SER A 100 -23.26 -9.57 -2.77
N ILE A 101 -23.69 -10.84 -2.81
CA ILE A 101 -23.56 -11.72 -1.66
C ILE A 101 -22.12 -12.16 -1.43
N LEU A 102 -21.26 -11.96 -2.42
CA LEU A 102 -19.86 -12.32 -2.29
C LEU A 102 -18.97 -11.13 -1.90
N GLU A 103 -19.59 -10.11 -1.31
CA GLU A 103 -18.84 -8.93 -0.89
C GLU A 103 -19.04 -8.64 0.59
N GLU A 104 -17.95 -8.68 1.35
CA GLU A 104 -17.97 -8.39 2.77
C GLU A 104 -18.80 -7.16 3.12
N ASP A 105 -18.39 -6.01 2.61
CA ASP A 105 -19.01 -4.74 2.96
C ASP A 105 -20.32 -4.51 2.21
N LYS A 106 -21.03 -5.59 1.91
CA LYS A 106 -22.30 -5.48 1.21
C LYS A 106 -23.28 -6.56 1.65
N ASP A 107 -23.63 -7.48 0.76
CA ASP A 107 -24.67 -8.45 1.05
C ASP A 107 -24.18 -9.78 1.63
N TRP A 108 -22.86 -9.91 1.79
CA TRP A 108 -22.32 -11.15 2.34
C TRP A 108 -22.77 -11.36 3.79
N ARG A 109 -23.06 -12.62 4.14
CA ARG A 109 -23.37 -13.00 5.50
C ARG A 109 -22.67 -14.30 5.88
N PRO A 110 -22.08 -14.35 7.09
CA PRO A 110 -21.42 -15.56 7.57
C PRO A 110 -22.27 -16.80 7.38
N ALA A 111 -23.59 -16.67 7.55
CA ALA A 111 -24.50 -17.80 7.47
C ALA A 111 -24.61 -18.42 6.07
N ILE A 112 -24.44 -17.59 5.04
CA ILE A 112 -24.56 -18.05 3.66
C ILE A 112 -23.84 -19.36 3.37
N THR A 113 -24.60 -20.33 2.85
CA THR A 113 -24.09 -21.66 2.57
C THR A 113 -23.45 -21.73 1.19
N ILE A 114 -22.67 -22.78 0.94
CA ILE A 114 -22.10 -22.98 -0.38
C ILE A 114 -23.22 -23.17 -1.38
N LYS A 115 -24.26 -23.87 -0.96
CA LYS A 115 -25.46 -24.06 -1.76
C LYS A 115 -26.01 -22.71 -2.24
N GLN A 116 -26.30 -21.83 -1.29
CA GLN A 116 -26.82 -20.50 -1.62
C GLN A 116 -25.92 -19.75 -2.58
N ILE A 117 -24.61 -19.92 -2.42
CA ILE A 117 -23.65 -19.28 -3.31
C ILE A 117 -23.79 -19.81 -4.73
N LEU A 118 -23.77 -21.12 -4.88
CA LEU A 118 -23.85 -21.75 -6.20
C LEU A 118 -25.19 -21.49 -6.89
N LEU A 119 -26.26 -21.37 -6.10
CA LEU A 119 -27.58 -21.02 -6.65
C LEU A 119 -27.66 -19.52 -7.00
N GLY A 120 -27.13 -18.69 -6.11
CA GLY A 120 -27.07 -17.27 -6.36
C GLY A 120 -26.38 -16.98 -7.67
N ILE A 121 -25.27 -17.68 -7.90
CA ILE A 121 -24.54 -17.52 -9.14
C ILE A 121 -25.33 -18.04 -10.34
N GLN A 122 -26.08 -19.12 -10.13
CA GLN A 122 -26.85 -19.70 -11.22
C GLN A 122 -27.95 -18.75 -11.69
N GLU A 123 -28.56 -18.03 -10.76
CA GLU A 123 -29.57 -17.03 -11.12
C GLU A 123 -28.90 -15.87 -11.84
N LEU A 124 -27.71 -15.50 -11.39
CA LEU A 124 -26.95 -14.42 -11.99
C LEU A 124 -26.67 -14.70 -13.46
N LEU A 125 -26.43 -15.96 -13.79
CA LEU A 125 -26.10 -16.35 -15.14
C LEU A 125 -27.12 -15.81 -16.15
N ASN A 126 -28.40 -16.04 -15.86
CA ASN A 126 -29.46 -15.67 -16.79
C ASN A 126 -30.10 -14.33 -16.46
N GLU A 127 -29.74 -13.76 -15.32
CA GLU A 127 -30.28 -12.47 -14.90
C GLU A 127 -29.20 -11.54 -14.39
N PRO A 128 -28.45 -10.94 -15.32
CA PRO A 128 -27.32 -10.05 -15.04
C PRO A 128 -27.73 -8.79 -14.28
N ASN A 129 -26.77 -8.25 -13.53
CA ASN A 129 -26.97 -7.04 -12.76
C ASN A 129 -26.37 -5.84 -13.52
N ILE A 130 -27.17 -5.27 -14.42
CA ILE A 130 -26.74 -4.14 -15.24
C ILE A 130 -26.11 -3.02 -14.42
N GLN A 131 -26.53 -2.89 -13.17
CA GLN A 131 -26.08 -1.81 -12.31
C GLN A 131 -24.56 -1.73 -12.24
N ASP A 132 -23.93 -2.88 -12.00
CA ASP A 132 -22.47 -2.91 -11.82
C ASP A 132 -21.82 -3.99 -12.68
N PRO A 133 -21.44 -3.64 -13.92
CA PRO A 133 -20.82 -4.59 -14.85
C PRO A 133 -19.32 -4.72 -14.60
N ALA A 134 -18.76 -5.88 -14.90
CA ALA A 134 -17.31 -6.09 -14.79
C ALA A 134 -16.72 -6.30 -16.18
N GLN A 135 -17.52 -6.89 -17.06
CA GLN A 135 -17.07 -7.22 -18.41
C GLN A 135 -17.63 -6.21 -19.42
N ALA A 136 -16.75 -5.59 -20.19
CA ALA A 136 -17.16 -4.52 -21.11
C ALA A 136 -17.92 -5.04 -22.33
N GLU A 137 -17.39 -6.09 -22.96
CA GLU A 137 -18.05 -6.71 -24.09
C GLU A 137 -19.47 -7.17 -23.75
N ALA A 138 -19.57 -8.12 -22.82
CA ALA A 138 -20.86 -8.72 -22.47
C ALA A 138 -21.91 -7.65 -22.13
N TYR A 139 -21.50 -6.67 -21.32
CA TYR A 139 -22.39 -5.57 -20.94
C TYR A 139 -22.92 -4.84 -22.17
N THR A 140 -22.03 -4.46 -23.07
CA THR A 140 -22.41 -3.73 -24.27
C THR A 140 -23.47 -4.49 -25.06
N ILE A 141 -23.10 -5.67 -25.54
CA ILE A 141 -24.00 -6.48 -26.36
C ILE A 141 -25.33 -6.73 -25.65
N TYR A 142 -25.28 -6.83 -24.32
CA TYR A 142 -26.48 -7.06 -23.54
C TYR A 142 -27.43 -5.87 -23.59
N CYS A 143 -26.85 -4.66 -23.52
CA CYS A 143 -27.64 -3.43 -23.46
C CYS A 143 -28.20 -3.00 -24.82
N GLN A 144 -27.65 -3.52 -25.91
CA GLN A 144 -28.00 -3.03 -27.25
C GLN A 144 -28.60 -4.11 -28.15
N ASN A 145 -27.90 -5.24 -28.26
CA ASN A 145 -28.30 -6.32 -29.17
C ASN A 145 -28.56 -7.62 -28.43
N ARG A 146 -29.67 -7.68 -27.71
CA ARG A 146 -30.01 -8.85 -26.90
C ARG A 146 -30.02 -10.15 -27.71
N VAL A 147 -30.60 -10.11 -28.90
CA VAL A 147 -30.68 -11.30 -29.75
C VAL A 147 -29.29 -11.87 -30.01
N GLU A 148 -28.36 -11.00 -30.40
CA GLU A 148 -26.98 -11.42 -30.65
C GLU A 148 -26.32 -11.85 -29.35
N TYR A 149 -26.68 -11.17 -28.26
CA TYR A 149 -26.16 -11.50 -26.94
C TYR A 149 -26.48 -12.96 -26.64
N GLU A 150 -27.75 -13.30 -26.71
CA GLU A 150 -28.19 -14.64 -26.37
C GLU A 150 -27.62 -15.67 -27.36
N LYS A 151 -27.39 -15.23 -28.59
CA LYS A 151 -26.74 -16.07 -29.60
C LYS A 151 -25.34 -16.45 -29.15
N ARG A 152 -24.67 -15.54 -28.44
CA ARG A 152 -23.33 -15.80 -27.93
C ARG A 152 -23.36 -16.62 -26.64
N VAL A 153 -24.50 -16.59 -25.95
CA VAL A 153 -24.68 -17.35 -24.73
C VAL A 153 -24.95 -18.82 -25.03
N ARG A 154 -25.77 -19.06 -26.06
CA ARG A 154 -26.06 -20.44 -26.46
C ARG A 154 -24.82 -21.11 -27.05
N ALA A 155 -24.08 -20.38 -27.87
CA ALA A 155 -22.84 -20.90 -28.43
C ALA A 155 -21.88 -21.32 -27.32
N GLN A 156 -21.88 -20.56 -26.23
CA GLN A 156 -21.04 -20.85 -25.08
C GLN A 156 -21.59 -22.04 -24.28
N ALA A 157 -22.91 -22.12 -24.17
CA ALA A 157 -23.56 -23.21 -23.45
C ALA A 157 -23.19 -24.54 -24.08
N LYS A 158 -23.04 -24.54 -25.40
CA LYS A 158 -22.67 -25.75 -26.13
C LYS A 158 -21.19 -26.06 -25.94
N LYS A 159 -20.36 -25.03 -25.95
CA LYS A 159 -18.92 -25.21 -25.76
C LYS A 159 -18.63 -25.87 -24.41
N PHE A 160 -19.51 -25.63 -23.43
CA PHE A 160 -19.33 -26.18 -22.10
C PHE A 160 -20.37 -27.23 -21.76
N ALA A 161 -20.87 -27.90 -22.79
CA ALA A 161 -21.77 -29.02 -22.60
C ALA A 161 -20.93 -30.27 -22.37
N PRO A 162 -21.27 -31.04 -21.32
CA PRO A 162 -20.49 -32.22 -20.90
C PRO A 162 -20.18 -33.18 -22.05
N SER A 163 -19.13 -33.97 -21.90
CA SER A 163 -18.75 -34.97 -22.89
C SER A 163 -18.14 -34.33 -24.13
N SER B 5 -18.40 0.33 -17.58
CA SER B 5 -18.05 -1.07 -17.75
C SER B 5 -16.73 -1.42 -17.06
N MET B 6 -15.77 -1.88 -17.86
CA MET B 6 -14.48 -2.33 -17.36
C MET B 6 -13.50 -1.16 -17.23
N SER B 7 -13.76 -0.27 -16.28
CA SER B 7 -12.87 0.89 -16.07
C SER B 7 -13.18 1.71 -14.82
N GLY B 8 -14.39 2.24 -14.77
CA GLY B 8 -14.75 3.23 -13.75
C GLY B 8 -14.58 2.82 -12.31
N ILE B 9 -14.75 1.55 -12.01
CA ILE B 9 -14.75 1.10 -10.61
C ILE B 9 -13.36 1.22 -9.98
N ALA B 10 -12.33 0.89 -10.74
CA ALA B 10 -10.96 0.97 -10.23
C ALA B 10 -10.52 2.41 -10.03
N LEU B 11 -10.71 3.23 -11.05
CA LEU B 11 -10.41 4.66 -10.97
C LEU B 11 -11.10 5.29 -9.77
N SER B 12 -12.39 5.03 -9.64
CA SER B 12 -13.18 5.57 -8.55
C SER B 12 -12.60 5.14 -7.20
N ARG B 13 -12.17 3.90 -7.13
CA ARG B 13 -11.62 3.35 -5.89
C ARG B 13 -10.30 4.03 -5.55
N LEU B 14 -9.49 4.26 -6.57
CA LEU B 14 -8.21 4.93 -6.38
C LEU B 14 -8.39 6.40 -5.98
N ALA B 15 -9.49 7.00 -6.42
CA ALA B 15 -9.80 8.37 -6.03
C ALA B 15 -9.96 8.47 -4.51
N GLN B 16 -10.61 7.47 -3.92
CA GLN B 16 -10.75 7.42 -2.47
C GLN B 16 -9.39 7.22 -1.83
N GLU B 17 -8.61 6.30 -2.39
CA GLU B 17 -7.30 5.98 -1.84
C GLU B 17 -6.45 7.23 -1.69
N ARG B 18 -6.35 8.00 -2.76
CA ARG B 18 -5.53 9.22 -2.76
C ARG B 18 -6.05 10.23 -1.74
N LYS B 19 -7.36 10.43 -1.73
CA LYS B 19 -7.98 11.35 -0.79
C LYS B 19 -7.66 10.99 0.67
N ALA B 20 -7.73 9.70 0.99
CA ALA B 20 -7.45 9.25 2.35
C ALA B 20 -5.98 9.33 2.68
N TRP B 21 -5.14 9.03 1.69
CA TRP B 21 -3.69 9.04 1.84
C TRP B 21 -3.14 10.45 2.10
N ARG B 22 -3.57 11.40 1.27
CA ARG B 22 -3.08 12.77 1.36
C ARG B 22 -3.36 13.41 2.71
N LYS B 23 -4.22 12.78 3.51
CA LYS B 23 -4.54 13.31 4.83
C LYS B 23 -4.24 12.34 5.98
N ASP B 24 -3.51 11.27 5.68
CA ASP B 24 -3.05 10.36 6.72
C ASP B 24 -2.10 9.29 6.19
N HIS B 25 -0.80 9.50 6.33
CA HIS B 25 0.25 8.57 6.10
C HIS B 25 1.31 8.65 6.94
N PRO B 26 2.17 7.67 7.10
CA PRO B 26 3.30 7.70 8.04
C PRO B 26 4.39 8.62 7.54
N PHE B 27 5.12 9.25 8.46
CA PHE B 27 6.18 10.17 8.09
C PHE B 27 7.23 9.46 7.25
N GLY B 28 7.60 10.07 6.13
CA GLY B 28 8.65 9.54 5.29
C GLY B 28 8.13 8.82 4.06
N PHE B 29 6.87 8.39 4.13
CA PHE B 29 6.23 7.72 3.02
C PHE B 29 5.67 8.73 2.02
N VAL B 30 5.79 8.41 0.73
CA VAL B 30 5.14 9.21 -0.30
C VAL B 30 4.47 8.29 -1.31
N ALA B 31 3.26 8.66 -1.71
CA ALA B 31 2.51 7.89 -2.69
C ALA B 31 1.65 8.83 -3.52
N VAL B 32 2.14 9.17 -4.71
CA VAL B 32 1.44 10.09 -5.58
C VAL B 32 1.37 9.55 -7.01
N PRO B 33 0.20 9.67 -7.66
CA PRO B 33 0.03 9.26 -9.05
C PRO B 33 1.12 9.86 -9.94
N THR B 34 1.62 9.08 -10.89
CA THR B 34 2.66 9.57 -11.78
C THR B 34 2.10 10.65 -12.73
N LYS B 35 2.97 11.56 -13.16
CA LYS B 35 2.54 12.64 -14.04
C LYS B 35 2.97 12.39 -15.49
N THR B 40 -0.78 16.09 -16.15
CA THR B 40 -1.95 15.24 -15.95
C THR B 40 -1.59 13.94 -15.24
N MET B 41 -2.40 13.56 -14.26
CA MET B 41 -2.10 12.40 -13.42
C MET B 41 -2.73 11.09 -13.86
N ASN B 42 -1.92 10.04 -13.84
CA ASN B 42 -2.37 8.70 -14.20
C ASN B 42 -2.60 7.85 -12.96
N LEU B 43 -3.85 7.77 -12.52
CA LEU B 43 -4.19 7.09 -11.27
C LEU B 43 -3.89 5.59 -11.31
N MET B 44 -3.62 5.06 -12.50
CA MET B 44 -3.38 3.64 -12.66
C MET B 44 -1.93 3.28 -12.34
N ASN B 45 -1.11 4.31 -12.18
CA ASN B 45 0.33 4.12 -12.02
C ASN B 45 0.91 5.14 -11.04
N TRP B 46 1.30 4.68 -9.86
CA TRP B 46 1.76 5.57 -8.80
C TRP B 46 3.27 5.51 -8.59
N GLU B 47 3.83 6.61 -8.11
CA GLU B 47 5.22 6.64 -7.67
C GLU B 47 5.24 6.73 -6.15
N CYS B 48 6.01 5.85 -5.50
CA CYS B 48 6.02 5.75 -4.06
C CYS B 48 7.46 5.78 -3.53
N ALA B 49 7.57 6.00 -2.23
CA ALA B 49 8.87 5.89 -1.56
C ALA B 49 8.66 5.39 -0.14
N ILE B 50 9.46 4.39 0.23
CA ILE B 50 9.39 3.80 1.57
C ILE B 50 10.67 4.11 2.34
N PRO B 51 10.53 4.67 3.55
CA PRO B 51 11.68 4.85 4.43
C PRO B 51 11.99 3.55 5.15
N GLY B 52 13.27 3.20 5.28
CA GLY B 52 13.64 2.06 6.09
C GLY B 52 13.17 2.27 7.52
N LYS B 53 12.81 1.17 8.18
CA LYS B 53 12.36 1.24 9.56
C LYS B 53 13.49 1.68 10.48
N LYS B 54 13.17 2.50 11.47
CA LYS B 54 14.19 2.96 12.42
C LYS B 54 14.62 1.84 13.35
N GLY B 55 15.94 1.66 13.49
CA GLY B 55 16.48 0.60 14.31
C GLY B 55 16.88 -0.62 13.50
N THR B 56 16.64 -0.55 12.19
CA THR B 56 17.03 -1.61 11.28
C THR B 56 18.17 -1.13 10.38
N PRO B 57 18.91 -2.07 9.79
CA PRO B 57 19.98 -1.73 8.85
C PRO B 57 19.47 -0.99 7.62
N TRP B 58 18.14 -0.83 7.52
CA TRP B 58 17.54 -0.11 6.41
C TRP B 58 17.30 1.34 6.81
N GLU B 59 17.54 1.64 8.08
CA GLU B 59 17.34 2.99 8.61
C GLU B 59 18.11 4.04 7.81
N GLY B 60 17.43 5.13 7.48
CA GLY B 60 18.06 6.22 6.74
C GLY B 60 17.84 6.11 5.24
N GLY B 61 17.48 4.92 4.77
CA GLY B 61 17.26 4.69 3.36
C GLY B 61 15.88 5.09 2.91
N LEU B 62 15.77 5.55 1.67
CA LEU B 62 14.50 5.91 1.08
C LEU B 62 14.31 5.15 -0.22
N PHE B 63 13.46 4.14 -0.20
CA PHE B 63 13.35 3.21 -1.32
C PHE B 63 12.10 3.48 -2.16
N LYS B 64 12.31 3.75 -3.44
CA LYS B 64 11.23 4.16 -4.34
C LYS B 64 10.63 2.97 -5.07
N LEU B 65 9.30 2.96 -5.17
CA LEU B 65 8.59 1.93 -5.93
C LEU B 65 7.66 2.54 -6.97
N ARG B 66 7.21 1.72 -7.89
CA ARG B 66 6.12 2.07 -8.78
C ARG B 66 4.96 1.11 -8.50
N MET B 67 3.77 1.67 -8.32
CA MET B 67 2.60 0.86 -8.01
C MET B 67 1.66 0.78 -9.21
N LEU B 68 1.74 -0.32 -9.95
CA LEU B 68 0.95 -0.49 -11.17
C LEU B 68 -0.38 -1.19 -10.89
N PHE B 69 -1.48 -0.48 -11.14
CA PHE B 69 -2.82 -1.06 -10.92
C PHE B 69 -3.39 -1.63 -12.21
N LYS B 70 -4.50 -2.36 -12.10
CA LYS B 70 -5.16 -2.92 -13.26
C LYS B 70 -6.66 -2.62 -13.26
N ASP B 71 -7.28 -2.72 -14.43
CA ASP B 71 -8.68 -2.35 -14.59
C ASP B 71 -9.64 -3.13 -13.71
N ASP B 72 -9.27 -4.35 -13.33
CA ASP B 72 -10.14 -5.18 -12.49
C ASP B 72 -9.84 -5.03 -11.00
N TYR B 73 -8.95 -4.10 -10.67
CA TYR B 73 -8.72 -3.70 -9.29
C TYR B 73 -10.00 -3.03 -8.80
N PRO B 74 -10.34 -3.18 -7.51
CA PRO B 74 -9.58 -3.80 -6.42
C PRO B 74 -9.77 -5.30 -6.24
N SER B 75 -10.25 -6.02 -7.24
CA SER B 75 -10.35 -7.47 -7.09
C SER B 75 -8.96 -8.08 -7.20
N SER B 76 -8.09 -7.40 -7.93
CA SER B 76 -6.70 -7.81 -8.07
C SER B 76 -5.79 -6.88 -7.27
N PRO B 77 -4.61 -7.37 -6.88
CA PRO B 77 -3.68 -6.52 -6.14
C PRO B 77 -2.89 -5.63 -7.10
N PRO B 78 -2.32 -4.54 -6.58
CA PRO B 78 -1.34 -3.77 -7.36
C PRO B 78 -0.10 -4.61 -7.61
N LYS B 79 0.65 -4.28 -8.67
CA LYS B 79 1.94 -4.91 -8.89
C LYS B 79 3.02 -3.91 -8.50
N CYS B 80 3.74 -4.20 -7.41
CA CYS B 80 4.72 -3.28 -6.88
C CYS B 80 6.16 -3.63 -7.26
N LYS B 81 6.81 -2.70 -7.95
CA LYS B 81 8.19 -2.86 -8.41
C LYS B 81 9.05 -1.84 -7.70
N PHE B 82 10.24 -2.25 -7.26
CA PHE B 82 11.21 -1.31 -6.71
C PHE B 82 12.00 -0.67 -7.83
N GLU B 83 12.16 0.64 -7.77
CA GLU B 83 12.95 1.37 -8.76
C GLU B 83 14.04 2.19 -8.10
N PRO B 84 15.31 1.75 -8.22
CA PRO B 84 15.71 0.51 -8.91
C PRO B 84 15.37 -0.72 -8.07
N PRO B 85 15.55 -1.92 -8.64
CA PRO B 85 15.37 -3.18 -7.91
C PRO B 85 16.25 -3.24 -6.68
N LEU B 86 15.73 -3.76 -5.59
CA LEU B 86 16.49 -3.84 -4.34
C LEU B 86 17.20 -5.17 -4.20
N PHE B 87 18.16 -5.21 -3.29
CA PHE B 87 18.77 -6.45 -2.84
C PHE B 87 17.97 -6.95 -1.65
N HIS B 88 17.15 -7.97 -1.89
CA HIS B 88 16.26 -8.50 -0.85
C HIS B 88 15.70 -9.86 -1.31
N PRO B 89 15.74 -10.87 -0.43
CA PRO B 89 15.31 -12.22 -0.79
C PRO B 89 13.91 -12.28 -1.41
N ASN B 90 13.04 -11.34 -1.06
CA ASN B 90 11.66 -11.36 -1.54
C ASN B 90 11.39 -10.41 -2.70
N VAL B 91 12.45 -10.01 -3.40
CA VAL B 91 12.28 -9.14 -4.56
C VAL B 91 12.97 -9.73 -5.77
N TYR B 92 12.20 -10.00 -6.81
CA TYR B 92 12.75 -10.48 -8.08
C TYR B 92 13.79 -9.48 -8.59
N PRO B 93 14.67 -9.95 -9.49
CA PRO B 93 15.65 -9.04 -10.11
C PRO B 93 14.96 -7.92 -10.86
N SER B 94 13.73 -8.17 -11.30
CA SER B 94 12.96 -7.14 -12.00
C SER B 94 12.54 -6.01 -11.07
N GLY B 95 12.40 -6.33 -9.79
CA GLY B 95 11.99 -5.36 -8.79
C GLY B 95 10.65 -5.70 -8.16
N THR B 96 9.95 -6.64 -8.79
CA THR B 96 8.65 -7.06 -8.28
C THR B 96 8.74 -7.49 -6.83
N VAL B 97 7.80 -7.03 -6.01
CA VAL B 97 7.78 -7.37 -4.60
C VAL B 97 6.90 -8.59 -4.34
N CYS B 98 7.49 -9.63 -3.74
CA CYS B 98 6.75 -10.81 -3.37
C CYS B 98 6.21 -10.67 -1.96
N LEU B 99 4.89 -10.77 -1.83
CA LEU B 99 4.25 -10.63 -0.53
C LEU B 99 2.83 -11.18 -0.62
N SER B 100 2.44 -11.95 0.37
CA SER B 100 1.16 -12.66 0.36
C SER B 100 0.00 -11.74 0.00
N ILE B 101 -0.06 -10.58 0.66
CA ILE B 101 -1.15 -9.63 0.43
C ILE B 101 -1.15 -9.08 -0.99
N LEU B 102 -0.01 -9.14 -1.67
CA LEU B 102 0.06 -8.68 -3.06
C LEU B 102 -0.21 -9.83 -4.02
N GLU B 103 -0.86 -10.87 -3.52
CA GLU B 103 -1.24 -12.00 -4.38
C GLU B 103 -2.73 -12.26 -4.33
N GLU B 104 -3.39 -12.01 -5.45
CA GLU B 104 -4.84 -12.09 -5.59
C GLU B 104 -5.41 -13.34 -4.95
N ASP B 105 -4.88 -14.48 -5.36
CA ASP B 105 -5.41 -15.78 -4.94
C ASP B 105 -4.86 -16.24 -3.59
N LYS B 106 -4.28 -15.32 -2.82
CA LYS B 106 -3.85 -15.61 -1.46
C LYS B 106 -4.40 -14.61 -0.45
N ASP B 107 -3.55 -13.68 0.00
CA ASP B 107 -3.90 -12.77 1.09
C ASP B 107 -4.39 -11.40 0.64
N TRP B 108 -4.46 -11.16 -0.66
CA TRP B 108 -4.99 -9.89 -1.15
C TRP B 108 -6.46 -9.76 -0.81
N ARG B 109 -6.82 -8.66 -0.14
CA ARG B 109 -8.21 -8.34 0.13
C ARG B 109 -8.53 -7.01 -0.56
N PRO B 110 -9.70 -6.92 -1.20
CA PRO B 110 -10.09 -5.68 -1.88
C PRO B 110 -10.06 -4.48 -0.95
N ALA B 111 -10.21 -4.72 0.35
CA ALA B 111 -10.26 -3.64 1.33
C ALA B 111 -8.89 -3.06 1.65
N ILE B 112 -7.84 -3.83 1.36
CA ILE B 112 -6.47 -3.41 1.65
C ILE B 112 -6.15 -2.04 1.07
N THR B 113 -5.70 -1.13 1.94
CA THR B 113 -5.39 0.24 1.53
C THR B 113 -3.94 0.36 1.05
N ILE B 114 -3.65 1.48 0.40
CA ILE B 114 -2.31 1.71 -0.11
C ILE B 114 -1.31 1.85 1.03
N LYS B 115 -1.72 2.59 2.05
CA LYS B 115 -0.92 2.69 3.27
C LYS B 115 -0.58 1.29 3.78
N GLN B 116 -1.61 0.45 3.91
CA GLN B 116 -1.43 -0.92 4.36
C GLN B 116 -0.38 -1.63 3.51
N ILE B 117 -0.52 -1.51 2.19
CA ILE B 117 0.44 -2.14 1.29
C ILE B 117 1.84 -1.65 1.55
N LEU B 118 2.02 -0.33 1.53
CA LEU B 118 3.33 0.27 1.74
C LEU B 118 3.91 -0.05 3.11
N LEU B 119 3.04 -0.20 4.11
CA LEU B 119 3.46 -0.59 5.45
C LEU B 119 3.85 -2.06 5.50
N GLY B 120 3.03 -2.91 4.89
CA GLY B 120 3.34 -4.32 4.80
C GLY B 120 4.69 -4.52 4.14
N ILE B 121 4.97 -3.70 3.13
CA ILE B 121 6.23 -3.78 2.38
C ILE B 121 7.43 -3.28 3.19
N GLN B 122 7.21 -2.27 4.04
CA GLN B 122 8.28 -1.77 4.88
C GLN B 122 8.69 -2.85 5.87
N GLU B 123 7.71 -3.49 6.49
CA GLU B 123 7.97 -4.52 7.48
C GLU B 123 8.69 -5.70 6.85
N LEU B 124 8.46 -5.90 5.55
CA LEU B 124 9.11 -6.98 4.81
C LEU B 124 10.60 -6.72 4.61
N LEU B 125 11.01 -5.45 4.64
CA LEU B 125 12.40 -5.12 4.40
C LEU B 125 13.32 -5.85 5.36
N ASN B 126 13.08 -5.70 6.66
CA ASN B 126 13.98 -6.26 7.67
C ASN B 126 13.54 -7.62 8.21
N GLU B 127 12.41 -8.11 7.72
CA GLU B 127 11.93 -9.43 8.10
C GLU B 127 11.66 -10.25 6.86
N PRO B 128 12.72 -10.65 6.15
CA PRO B 128 12.64 -11.46 4.94
C PRO B 128 11.84 -12.74 5.18
N ASN B 129 11.12 -13.20 4.17
CA ASN B 129 10.43 -14.47 4.26
C ASN B 129 11.29 -15.53 3.58
N ILE B 130 12.09 -16.22 4.38
CA ILE B 130 13.06 -17.18 3.88
C ILE B 130 12.37 -18.43 3.35
N GLN B 131 11.08 -18.55 3.64
CA GLN B 131 10.31 -19.69 3.21
C GLN B 131 9.84 -19.50 1.77
N ASP B 132 9.85 -18.25 1.32
CA ASP B 132 9.35 -17.94 -0.02
C ASP B 132 10.28 -16.99 -0.78
N PRO B 133 11.55 -17.40 -0.95
CA PRO B 133 12.55 -16.54 -1.59
C PRO B 133 12.25 -16.31 -3.07
N ALA B 134 12.37 -15.08 -3.52
CA ALA B 134 12.21 -14.76 -4.94
C ALA B 134 13.55 -14.56 -5.64
N GLN B 135 14.49 -13.93 -4.93
CA GLN B 135 15.80 -13.60 -5.48
C GLN B 135 16.86 -14.59 -5.01
N ALA B 136 17.55 -15.22 -5.96
CA ALA B 136 18.55 -16.23 -5.64
C ALA B 136 19.74 -15.66 -4.88
N GLU B 137 20.25 -14.52 -5.34
CA GLU B 137 21.39 -13.88 -4.73
C GLU B 137 21.17 -13.61 -3.25
N ALA B 138 20.32 -12.64 -2.95
CA ALA B 138 20.07 -12.24 -1.57
C ALA B 138 19.76 -13.43 -0.68
N TYR B 139 18.98 -14.38 -1.21
CA TYR B 139 18.61 -15.58 -0.48
C TYR B 139 19.82 -16.43 -0.15
N THR B 140 20.58 -16.79 -1.19
CA THR B 140 21.78 -17.59 -1.02
C THR B 140 22.69 -16.96 0.02
N ILE B 141 23.04 -15.69 -0.18
CA ILE B 141 23.90 -14.97 0.75
C ILE B 141 23.32 -14.99 2.17
N TYR B 142 22.02 -14.79 2.29
CA TYR B 142 21.35 -14.79 3.58
C TYR B 142 21.44 -16.16 4.26
N CYS B 143 21.48 -17.21 3.46
CA CYS B 143 21.50 -18.59 3.98
C CYS B 143 22.90 -19.14 4.26
N GLN B 144 23.92 -18.57 3.64
CA GLN B 144 25.28 -19.10 3.82
C GLN B 144 26.29 -18.08 4.35
N ASN B 145 25.87 -16.82 4.47
CA ASN B 145 26.68 -15.79 5.10
C ASN B 145 25.84 -14.59 5.53
N ARG B 146 25.20 -14.71 6.68
CA ARG B 146 24.30 -13.68 7.17
C ARG B 146 25.00 -12.34 7.38
N VAL B 147 26.30 -12.38 7.65
CA VAL B 147 27.08 -11.17 7.86
C VAL B 147 27.28 -10.41 6.55
N GLU B 148 27.59 -11.14 5.49
CA GLU B 148 27.77 -10.53 4.18
C GLU B 148 26.43 -9.94 3.71
N TYR B 149 25.35 -10.53 4.20
CA TYR B 149 24.00 -10.09 3.86
C TYR B 149 23.63 -8.78 4.58
N GLU B 150 23.89 -8.74 5.88
CA GLU B 150 23.62 -7.53 6.65
C GLU B 150 24.53 -6.40 6.19
N LYS B 151 25.74 -6.75 5.79
CA LYS B 151 26.70 -5.78 5.29
C LYS B 151 26.21 -5.17 3.99
N ARG B 152 25.68 -6.01 3.12
CA ARG B 152 25.14 -5.53 1.85
C ARG B 152 23.90 -4.68 2.07
N VAL B 153 23.12 -5.00 3.10
CA VAL B 153 21.93 -4.22 3.42
C VAL B 153 22.31 -2.81 3.90
N ARG B 154 23.35 -2.73 4.72
CA ARG B 154 23.81 -1.44 5.24
C ARG B 154 24.29 -0.54 4.10
N ALA B 155 25.13 -1.11 3.24
CA ALA B 155 25.66 -0.37 2.09
C ALA B 155 24.50 0.23 1.30
N GLN B 156 23.62 -0.64 0.82
CA GLN B 156 22.46 -0.23 0.04
C GLN B 156 21.65 0.84 0.76
N ALA B 157 21.36 0.61 2.04
CA ALA B 157 20.58 1.56 2.83
C ALA B 157 21.23 2.95 2.82
N LYS B 158 22.54 2.99 3.02
CA LYS B 158 23.27 4.25 3.02
C LYS B 158 23.29 4.83 1.61
N LYS B 159 23.56 3.99 0.63
CA LYS B 159 23.59 4.40 -0.77
C LYS B 159 22.27 5.01 -1.21
N PHE B 160 21.16 4.48 -0.72
CA PHE B 160 19.84 4.99 -1.10
C PHE B 160 19.29 6.03 -0.12
N ALA B 161 20.18 6.58 0.70
CA ALA B 161 19.83 7.70 1.58
C ALA B 161 19.74 8.99 0.77
N PRO B 162 18.85 9.92 1.18
CA PRO B 162 18.62 11.19 0.49
C PRO B 162 19.82 12.15 0.52
N SER B 163 19.72 13.22 -0.27
CA SER B 163 20.78 14.22 -0.39
C SER B 163 22.05 13.64 -1.01
N GLN C 6 -15.22 26.37 4.31
CA GLN C 6 -14.70 27.73 4.39
C GLN C 6 -13.19 27.75 4.62
N GLU C 7 -12.78 27.81 5.88
CA GLU C 7 -11.36 27.83 6.22
C GLU C 7 -10.85 26.40 6.41
N LEU C 8 -9.85 26.03 5.62
CA LEU C 8 -9.34 24.66 5.62
C LEU C 8 -8.22 24.44 6.65
N ARG C 9 -8.58 23.74 7.74
CA ARG C 9 -7.65 23.50 8.83
C ARG C 9 -6.68 22.34 8.54
N LEU C 10 -5.44 22.69 8.22
CA LEU C 10 -4.41 21.69 7.87
C LEU C 10 -3.66 21.19 9.10
N ARG C 11 -2.79 20.20 8.88
CA ARG C 11 -1.97 19.64 9.96
C ARG C 11 -0.55 19.42 9.47
N VAL C 12 0.42 19.62 10.37
CA VAL C 12 1.82 19.40 10.04
C VAL C 12 2.43 18.34 10.97
N GLN C 13 3.10 17.36 10.37
CA GLN C 13 3.72 16.29 11.15
C GLN C 13 5.23 16.24 10.93
N GLY C 14 5.97 15.96 12.02
CA GLY C 14 7.41 15.79 11.94
C GLY C 14 7.80 14.35 12.22
N LYS C 15 9.09 14.12 12.45
CA LYS C 15 9.58 12.77 12.76
C LYS C 15 9.09 12.29 14.12
N GLU C 16 9.05 13.20 15.08
CA GLU C 16 8.66 12.86 16.44
C GLU C 16 7.16 13.04 16.68
N LYS C 17 6.59 12.17 17.51
CA LYS C 17 5.18 12.20 17.83
C LYS C 17 4.72 13.58 18.30
N HIS C 18 5.44 14.14 19.28
CA HIS C 18 4.99 15.35 19.96
C HIS C 18 4.99 16.60 19.07
N GLN C 19 5.63 16.52 17.92
CA GLN C 19 5.69 17.67 17.02
C GLN C 19 4.68 17.58 15.87
N MET C 20 3.41 17.46 16.23
CA MET C 20 2.30 17.55 15.28
C MET C 20 1.43 18.75 15.62
N LEU C 21 1.54 19.82 14.83
CA LEU C 21 0.76 21.04 15.07
C LEU C 21 -0.34 21.23 14.03
N GLU C 22 -1.55 21.47 14.52
CA GLU C 22 -2.70 21.68 13.64
C GLU C 22 -2.98 23.16 13.45
N ILE C 23 -2.83 23.63 12.21
CA ILE C 23 -3.07 25.03 11.87
C ILE C 23 -4.23 25.18 10.90
N SER C 24 -5.20 26.03 11.25
CA SER C 24 -6.31 26.34 10.35
C SER C 24 -5.92 27.46 9.39
N LEU C 25 -5.64 27.10 8.14
CA LEU C 25 -5.22 28.06 7.13
C LEU C 25 -6.40 28.52 6.29
N SER C 26 -6.30 29.73 5.74
CA SER C 26 -7.32 30.28 4.87
C SER C 26 -7.00 29.91 3.42
N PRO C 27 -8.05 29.62 2.62
CA PRO C 27 -7.85 29.30 1.20
C PRO C 27 -7.13 30.44 0.49
N ASP C 28 -7.11 31.60 1.14
CA ASP C 28 -6.52 32.81 0.59
C ASP C 28 -5.06 32.96 1.05
N SER C 29 -4.83 32.73 2.33
CA SER C 29 -3.49 32.75 2.90
C SER C 29 -2.59 31.75 2.18
N PRO C 30 -1.34 32.13 1.93
CA PRO C 30 -0.38 31.23 1.28
C PRO C 30 0.15 30.19 2.26
N LEU C 31 1.31 29.62 1.98
CA LEU C 31 1.91 28.61 2.85
C LEU C 31 2.99 29.19 3.76
N LYS C 32 3.51 30.36 3.39
CA LYS C 32 4.54 31.01 4.17
C LYS C 32 4.02 31.32 5.57
N VAL C 33 2.75 31.67 5.67
CA VAL C 33 2.15 32.03 6.94
C VAL C 33 1.96 30.82 7.85
N LEU C 34 1.63 29.67 7.26
CA LEU C 34 1.46 28.44 8.03
C LEU C 34 2.80 27.89 8.49
N MET C 35 3.82 28.02 7.64
CA MET C 35 5.17 27.58 7.99
C MET C 35 5.71 28.39 9.15
N SER C 36 5.55 29.71 9.06
CA SER C 36 6.02 30.61 10.09
C SER C 36 5.25 30.36 11.39
N HIS C 37 3.98 30.04 11.26
CA HIS C 37 3.15 29.70 12.42
C HIS C 37 3.72 28.48 13.11
N TYR C 38 4.20 27.52 12.32
CA TYR C 38 4.72 26.26 12.84
C TYR C 38 6.11 26.40 13.44
N GLU C 39 6.69 27.59 13.33
CA GLU C 39 7.98 27.86 13.97
C GLU C 39 7.78 28.63 15.28
N GLU C 40 6.84 29.55 15.27
CA GLU C 40 6.52 30.34 16.46
C GLU C 40 6.01 29.45 17.59
N ALA C 41 4.83 28.87 17.37
CA ALA C 41 4.20 28.05 18.40
C ALA C 41 4.87 26.69 18.52
N MET C 42 6.10 26.57 18.02
CA MET C 42 6.86 25.34 18.11
C MET C 42 8.27 25.63 18.57
N GLY C 43 8.64 26.90 18.58
CA GLY C 43 9.96 27.31 19.01
C GLY C 43 11.07 26.68 18.17
N LEU C 44 11.10 27.03 16.89
CA LEU C 44 12.15 26.55 16.00
C LEU C 44 12.69 27.67 15.13
N SER C 45 12.36 28.91 15.46
CA SER C 45 12.91 30.05 14.75
C SER C 45 14.44 29.98 14.83
N GLY C 46 15.07 29.79 13.67
CA GLY C 46 16.51 29.61 13.61
C GLY C 46 16.87 28.28 12.99
N HIS C 47 15.85 27.46 12.74
CA HIS C 47 16.04 26.18 12.07
C HIS C 47 15.79 26.32 10.58
N LYS C 48 16.44 25.46 9.79
CA LYS C 48 16.18 25.38 8.36
C LYS C 48 15.11 24.33 8.10
N LEU C 49 13.85 24.77 8.13
CA LEU C 49 12.72 23.85 7.99
C LEU C 49 12.31 23.65 6.55
N SER C 50 12.52 22.44 6.05
CA SER C 50 12.07 22.08 4.70
C SER C 50 10.74 21.32 4.76
N PHE C 51 9.66 22.01 4.39
CA PHE C 51 8.32 21.41 4.40
C PHE C 51 8.05 20.62 3.13
N PHE C 52 7.05 19.73 3.18
CA PHE C 52 6.71 18.89 2.03
C PHE C 52 5.22 18.58 1.95
N PHE C 53 4.78 18.23 0.74
CA PHE C 53 3.42 17.74 0.51
C PHE C 53 3.42 16.91 -0.77
N ASP C 54 2.89 15.69 -0.68
CA ASP C 54 2.94 14.74 -1.79
C ASP C 54 4.36 14.57 -2.34
N GLY C 55 5.33 14.62 -1.44
CA GLY C 55 6.72 14.39 -1.81
C GLY C 55 7.34 15.52 -2.61
N THR C 56 6.69 16.69 -2.60
CA THR C 56 7.22 17.87 -3.26
C THR C 56 7.37 19.02 -2.28
N LYS C 57 8.60 19.54 -2.16
CA LYS C 57 8.90 20.61 -1.20
C LYS C 57 8.11 21.89 -1.47
N LEU C 58 7.79 22.61 -0.40
CA LEU C 58 7.06 23.86 -0.52
C LEU C 58 7.98 25.07 -0.53
N SER C 59 7.52 26.16 -1.14
CA SER C 59 8.29 27.40 -1.18
C SER C 59 7.70 28.42 -0.22
N GLY C 60 6.37 28.42 -0.12
CA GLY C 60 5.68 29.38 0.74
C GLY C 60 4.85 30.35 -0.08
N LYS C 61 5.31 30.62 -1.29
CA LYS C 61 4.59 31.50 -2.22
C LYS C 61 3.23 30.90 -2.54
N GLU C 62 3.21 29.58 -2.65
CA GLU C 62 2.02 28.86 -3.11
C GLU C 62 0.86 29.01 -2.14
N LEU C 63 -0.34 29.13 -2.69
CA LEU C 63 -1.55 29.13 -1.88
C LEU C 63 -2.32 27.83 -2.11
N PRO C 64 -3.11 27.40 -1.12
CA PRO C 64 -3.80 26.11 -1.09
C PRO C 64 -4.30 25.65 -2.46
N ALA C 65 -5.12 26.47 -3.12
CA ALA C 65 -5.70 26.11 -4.42
C ALA C 65 -4.68 25.50 -5.38
N ASP C 66 -3.49 26.10 -5.44
CA ASP C 66 -2.44 25.66 -6.37
C ASP C 66 -2.13 24.17 -6.25
N LEU C 67 -1.92 23.73 -5.02
CA LEU C 67 -1.55 22.34 -4.74
C LEU C 67 -2.78 21.46 -4.59
N GLY C 68 -3.95 22.07 -4.60
CA GLY C 68 -5.20 21.35 -4.44
C GLY C 68 -5.41 20.88 -3.02
N LEU C 69 -5.06 21.73 -2.06
CA LEU C 69 -5.15 21.37 -0.65
C LEU C 69 -6.59 21.32 -0.15
N GLU C 70 -6.82 20.50 0.89
CA GLU C 70 -8.13 20.38 1.50
C GLU C 70 -7.98 20.16 3.01
N SER C 71 -8.99 20.57 3.77
CA SER C 71 -8.94 20.47 5.23
C SER C 71 -8.79 19.01 5.69
N GLY C 72 -7.67 18.72 6.34
CA GLY C 72 -7.37 17.38 6.81
C GLY C 72 -6.07 16.86 6.25
N ASP C 73 -5.60 17.48 5.17
CA ASP C 73 -4.35 17.08 4.51
C ASP C 73 -3.15 17.13 5.44
N LEU C 74 -2.09 16.44 5.04
CA LEU C 74 -0.86 16.37 5.83
C LEU C 74 0.28 17.19 5.22
N ILE C 75 0.97 17.93 6.07
CA ILE C 75 2.18 18.64 5.68
C ILE C 75 3.33 18.10 6.51
N GLU C 76 4.25 17.39 5.87
CA GLU C 76 5.40 16.84 6.59
C GLU C 76 6.51 17.87 6.66
N VAL C 77 7.21 17.91 7.79
CA VAL C 77 8.27 18.88 7.98
C VAL C 77 9.56 18.21 8.44
N TRP C 78 10.68 18.63 7.85
CA TRP C 78 12.00 18.13 8.21
C TRP C 78 12.70 19.13 9.13
N GLY C 79 12.65 18.87 10.44
CA GLY C 79 13.24 19.77 11.41
C GLY C 79 14.75 19.86 11.33
N GLU D 7 31.20 21.30 34.19
CA GLU D 7 30.71 21.14 32.83
C GLU D 7 30.50 22.50 32.14
N LEU D 8 31.25 22.73 31.06
CA LEU D 8 31.20 23.99 30.33
C LEU D 8 29.83 24.29 29.73
N ARG D 9 29.36 25.52 29.94
CA ARG D 9 28.08 25.96 29.39
C ARG D 9 28.31 26.88 28.19
N LEU D 10 28.81 26.29 27.10
CA LEU D 10 29.15 27.05 25.90
C LEU D 10 27.94 27.51 25.09
N ARG D 11 28.18 28.32 24.08
CA ARG D 11 27.13 28.79 23.18
C ARG D 11 27.60 28.83 21.73
N VAL D 12 26.68 28.65 20.80
CA VAL D 12 27.00 28.57 19.38
C VAL D 12 25.99 29.34 18.57
N GLN D 13 26.48 30.23 17.68
CA GLN D 13 25.58 31.00 16.83
C GLN D 13 26.14 31.25 15.43
N GLY D 14 25.24 31.33 14.45
CA GLY D 14 25.61 31.57 13.07
C GLY D 14 25.28 32.98 12.63
N LYS D 15 25.20 33.18 11.32
CA LYS D 15 25.01 34.52 10.78
C LYS D 15 23.63 35.11 11.10
N GLU D 16 22.61 34.27 11.01
CA GLU D 16 21.23 34.72 11.25
C GLU D 16 20.90 34.81 12.73
N LYS D 17 19.94 35.68 13.05
CA LYS D 17 19.60 36.02 14.43
C LYS D 17 19.44 34.80 15.34
N HIS D 18 18.51 33.92 14.99
CA HIS D 18 18.12 32.82 15.89
C HIS D 18 18.91 31.54 15.67
N GLN D 19 20.06 31.64 15.00
CA GLN D 19 20.92 30.47 14.81
C GLN D 19 21.76 30.23 16.06
N MET D 20 21.22 30.61 17.21
CA MET D 20 21.92 30.51 18.47
C MET D 20 21.44 29.31 19.30
N LEU D 21 22.37 28.43 19.66
CA LEU D 21 22.04 27.24 20.43
C LEU D 21 23.08 26.95 21.50
N GLU D 22 22.69 27.13 22.75
CA GLU D 22 23.58 26.87 23.89
C GLU D 22 23.71 25.38 24.13
N ILE D 23 24.95 24.91 24.27
CA ILE D 23 25.20 23.49 24.47
C ILE D 23 26.22 23.23 25.58
N SER D 24 26.04 22.12 26.29
CA SER D 24 26.97 21.73 27.36
C SER D 24 28.08 20.82 26.84
N LEU D 25 29.22 20.86 27.51
CA LEU D 25 30.38 20.09 27.11
C LEU D 25 31.34 19.91 28.29
N SER D 26 31.57 18.66 28.68
CA SER D 26 32.48 18.38 29.80
C SER D 26 33.91 18.81 29.47
N PRO D 27 34.61 19.38 30.47
CA PRO D 27 35.97 19.89 30.29
C PRO D 27 36.88 18.89 29.57
N SER D 29 36.44 16.46 27.28
CA SER D 29 35.73 16.24 26.02
C SER D 29 36.12 17.28 24.99
N PRO D 30 36.68 16.83 23.85
CA PRO D 30 36.99 17.72 22.72
C PRO D 30 35.71 18.35 22.17
N LEU D 31 35.83 19.47 21.48
CA LEU D 31 34.64 20.18 20.99
C LEU D 31 34.05 19.58 19.71
N LYS D 32 34.55 18.42 19.29
CA LYS D 32 33.92 17.69 18.20
C LYS D 32 32.60 17.11 18.68
N VAL D 33 32.56 16.76 19.97
CA VAL D 33 31.32 16.31 20.62
C VAL D 33 30.36 17.50 20.70
N LEU D 34 30.79 18.62 20.15
CA LEU D 34 30.02 19.84 20.14
C LEU D 34 29.78 20.28 18.71
N MET D 35 30.74 19.96 17.84
CA MET D 35 30.66 20.30 16.42
C MET D 35 29.75 19.33 15.68
N SER D 36 29.25 18.33 16.40
CA SER D 36 28.32 17.36 15.83
C SER D 36 27.03 17.37 16.63
N HIS D 37 27.15 17.55 17.94
CA HIS D 37 25.99 17.70 18.81
C HIS D 37 25.12 18.83 18.28
N TYR D 38 25.77 19.86 17.73
CA TYR D 38 25.07 21.02 17.19
C TYR D 38 24.48 20.69 15.82
N GLU D 39 25.13 19.81 15.09
CA GLU D 39 24.72 19.48 13.72
C GLU D 39 23.36 18.80 13.63
N GLU D 40 22.85 18.29 14.75
CA GLU D 40 21.50 17.74 14.75
C GLU D 40 20.47 18.79 15.17
N ALA D 41 20.37 19.06 16.47
CA ALA D 41 19.41 20.03 16.98
C ALA D 41 19.74 21.44 16.52
N LEU D 49 29.99 23.01 7.11
CA LEU D 49 30.00 23.63 8.43
C LEU D 49 31.40 23.79 8.99
N SER D 50 31.87 25.04 9.05
CA SER D 50 33.15 25.35 9.67
C SER D 50 32.91 26.11 10.98
N PHE D 51 33.62 25.70 12.03
CA PHE D 51 33.46 26.33 13.33
C PHE D 51 34.67 27.20 13.69
N PHE D 52 34.43 28.22 14.50
CA PHE D 52 35.48 29.16 14.88
C PHE D 52 35.39 29.53 16.35
N PHE D 53 36.53 29.76 16.97
CA PHE D 53 36.56 30.36 18.30
C PHE D 53 37.70 31.34 18.42
N ASP D 54 37.40 32.51 18.99
CA ASP D 54 38.39 33.58 19.09
C ASP D 54 39.00 33.82 17.72
N GLY D 55 38.15 33.76 16.69
CA GLY D 55 38.56 34.07 15.34
C GLY D 55 39.53 33.08 14.73
N THR D 56 39.47 31.83 15.18
CA THR D 56 40.29 30.77 14.61
C THR D 56 39.45 29.53 14.31
N LYS D 57 39.80 28.84 13.23
CA LYS D 57 39.03 27.69 12.74
C LYS D 57 39.31 26.44 13.56
N LEU D 58 38.27 25.62 13.77
CA LEU D 58 38.40 24.40 14.57
C LEU D 58 38.34 23.12 13.75
N SER D 59 38.61 21.99 14.40
CA SER D 59 38.55 20.68 13.75
C SER D 59 37.78 19.68 14.61
N GLY D 60 37.95 19.79 15.92
CA GLY D 60 37.30 18.88 16.85
C GLY D 60 38.30 18.09 17.68
N LYS D 61 39.48 17.91 17.12
CA LYS D 61 40.56 17.17 17.77
C LYS D 61 41.20 18.01 18.87
N GLU D 62 40.43 18.91 19.47
CA GLU D 62 40.97 19.85 20.43
C GLU D 62 40.16 19.93 21.72
N LEU D 63 40.86 19.95 22.84
CA LEU D 63 40.26 20.18 24.14
C LEU D 63 40.45 21.65 24.48
N PRO D 64 39.67 22.18 25.43
CA PRO D 64 39.91 23.54 25.92
C PRO D 64 41.38 23.71 26.33
N ALA D 65 42.18 24.25 25.42
CA ALA D 65 43.62 24.38 25.63
C ALA D 65 43.97 24.86 27.03
N GLY D 68 41.61 28.08 24.84
CA GLY D 68 41.44 28.05 26.27
C GLY D 68 40.03 28.37 26.70
N LEU D 69 39.08 27.58 26.22
CA LEU D 69 37.65 27.82 26.45
C LEU D 69 37.26 28.02 27.91
N GLU D 70 36.03 28.47 28.12
CA GLU D 70 35.48 28.69 29.45
C GLU D 70 33.96 28.69 29.39
N SER D 71 33.33 28.51 30.54
CA SER D 71 31.87 28.53 30.61
C SER D 71 31.32 29.87 30.17
N GLY D 72 30.57 29.87 29.08
CA GLY D 72 29.96 31.09 28.57
C GLY D 72 30.46 31.49 27.19
N ASP D 73 31.65 31.02 26.84
CA ASP D 73 32.26 31.37 25.56
C ASP D 73 31.36 31.03 24.38
N LEU D 74 31.63 31.66 23.24
CA LEU D 74 30.81 31.46 22.05
C LEU D 74 31.62 31.08 20.83
N ILE D 75 31.09 30.13 20.07
CA ILE D 75 31.73 29.59 18.88
C ILE D 75 30.86 29.88 17.67
N GLU D 76 31.43 30.51 16.65
CA GLU D 76 30.69 30.89 15.46
C GLU D 76 30.70 29.81 14.38
N VAL D 77 29.63 29.73 13.61
CA VAL D 77 29.46 28.68 12.60
C VAL D 77 29.27 29.23 11.20
N TRP D 78 29.87 28.58 10.20
CA TRP D 78 29.72 28.97 8.81
C TRP D 78 29.12 27.82 7.98
#